data_235D
# 
_entry.id   235D 
# 
_audit_conform.dict_name       mmcif_pdbx.dic 
_audit_conform.dict_version    5.387 
_audit_conform.dict_location   http://mmcif.pdb.org/dictionaries/ascii/mmcif_pdbx.dic 
# 
loop_
_database_2.database_id 
_database_2.database_code 
_database_2.pdbx_database_accession 
_database_2.pdbx_DOI 
PDB   235D         pdb_0000235d 10.2210/pdb235d/pdb 
RCSB  DDF055       ?            ?                   
WWPDB D_1000177621 ?            ?                   
# 
loop_
_pdbx_audit_revision_history.ordinal 
_pdbx_audit_revision_history.data_content_type 
_pdbx_audit_revision_history.major_revision 
_pdbx_audit_revision_history.minor_revision 
_pdbx_audit_revision_history.revision_date 
1 'Structure model' 1 0 1996-01-31 
2 'Structure model' 1 1 2008-05-22 
3 'Structure model' 1 2 2011-07-13 
4 'Structure model' 1 3 2024-02-14 
# 
_pdbx_audit_revision_details.ordinal             1 
_pdbx_audit_revision_details.revision_ordinal    1 
_pdbx_audit_revision_details.data_content_type   'Structure model' 
_pdbx_audit_revision_details.provider            repository 
_pdbx_audit_revision_details.type                'Initial release' 
_pdbx_audit_revision_details.description         ? 
_pdbx_audit_revision_details.details             ? 
# 
loop_
_pdbx_audit_revision_group.ordinal 
_pdbx_audit_revision_group.revision_ordinal 
_pdbx_audit_revision_group.data_content_type 
_pdbx_audit_revision_group.group 
1 2 'Structure model' 'Version format compliance' 
2 3 'Structure model' 'Version format compliance' 
3 4 'Structure model' 'Data collection'           
4 4 'Structure model' 'Database references'       
5 4 'Structure model' 'Derived calculations'      
# 
loop_
_pdbx_audit_revision_category.ordinal 
_pdbx_audit_revision_category.revision_ordinal 
_pdbx_audit_revision_category.data_content_type 
_pdbx_audit_revision_category.category 
1 4 'Structure model' chem_comp_atom 
2 4 'Structure model' chem_comp_bond 
3 4 'Structure model' database_2     
4 4 'Structure model' struct_site    
# 
loop_
_pdbx_audit_revision_item.ordinal 
_pdbx_audit_revision_item.revision_ordinal 
_pdbx_audit_revision_item.data_content_type 
_pdbx_audit_revision_item.item 
1 4 'Structure model' '_database_2.pdbx_DOI'                
2 4 'Structure model' '_database_2.pdbx_database_accession' 
3 4 'Structure model' '_struct_site.pdbx_auth_asym_id'      
4 4 'Structure model' '_struct_site.pdbx_auth_comp_id'      
5 4 'Structure model' '_struct_site.pdbx_auth_seq_id'       
# 
_pdbx_database_status.status_code                     REL 
_pdbx_database_status.entry_id                        235D 
_pdbx_database_status.recvd_initial_deposition_date   1995-06-22 
_pdbx_database_status.deposit_site                    BNL 
_pdbx_database_status.process_site                    NDB 
_pdbx_database_status.SG_entry                        . 
_pdbx_database_status.pdb_format_compatible           Y 
_pdbx_database_status.status_code_mr                  ? 
_pdbx_database_status.status_code_sf                  ? 
_pdbx_database_status.status_code_cs                  ? 
_pdbx_database_status.status_code_nmr_data            ? 
_pdbx_database_status.methods_development_category    ? 
# 
loop_
_audit_author.name 
_audit_author.pdbx_ordinal 
'Gao, Y.-G.'    1 
'Wang, A.H.-J.' 2 
# 
_citation.id                        primary 
_citation.title                     
;Crystal structures of four morpholino-doxorubicin anticancer drugs complexed with d(CGTACG) and d(CGATCG): implications in drug-DNA crosslink.
;
_citation.journal_abbrev            J.Biomol.Struct.Dyn. 
_citation.journal_volume            13 
_citation.page_first                103 
_citation.page_last                 117 
_citation.year                      1995 
_citation.journal_id_ASTM           JBSDD6 
_citation.country                   US 
_citation.journal_id_ISSN           0739-1102 
_citation.journal_id_CSD            0646 
_citation.book_publisher            ? 
_citation.pdbx_database_id_PubMed   8527023 
_citation.pdbx_database_id_DOI      ? 
# 
loop_
_citation_author.citation_id 
_citation_author.name 
_citation_author.ordinal 
_citation_author.identifier_ORCID 
primary 'Gao, Y.G.'  1 ? 
primary 'Wang, A.H.' 2 ? 
# 
loop_
_entity.id 
_entity.type 
_entity.src_method 
_entity.pdbx_description 
_entity.formula_weight 
_entity.pdbx_number_of_molecules 
_entity.pdbx_ec 
_entity.pdbx_mutation 
_entity.pdbx_fragment 
_entity.details 
1 polymer     syn 
;DNA (5'-D(*CP*GP*AP*TP*CP*G)-3')
;
1809.217 1  ? ? ? ? 
2 non-polymer syn "3'-DESAMINO-3'-(2-METHOXY-4-MORPHOLINYL)-DOXORUBICIN" 643.635  1  ? ? ? ? 
3 water       nat water                                                  18.015   38 ? ? ? ? 
# 
_entity_poly.entity_id                      1 
_entity_poly.type                           polydeoxyribonucleotide 
_entity_poly.nstd_linkage                   no 
_entity_poly.nstd_monomer                   no 
_entity_poly.pdbx_seq_one_letter_code       '(DC)(DG)(DA)(DT)(DC)(DG)' 
_entity_poly.pdbx_seq_one_letter_code_can   CGATCG 
_entity_poly.pdbx_strand_id                 A 
_entity_poly.pdbx_target_identifier         ? 
# 
loop_
_pdbx_entity_nonpoly.entity_id 
_pdbx_entity_nonpoly.name 
_pdbx_entity_nonpoly.comp_id 
2 "3'-DESAMINO-3'-(2-METHOXY-4-MORPHOLINYL)-DOXORUBICIN" DMM 
3 water                                                  HOH 
# 
loop_
_entity_poly_seq.entity_id 
_entity_poly_seq.num 
_entity_poly_seq.mon_id 
_entity_poly_seq.hetero 
1 1 DC n 
1 2 DG n 
1 3 DA n 
1 4 DT n 
1 5 DC n 
1 6 DG n 
# 
loop_
_chem_comp.id 
_chem_comp.type 
_chem_comp.mon_nstd_flag 
_chem_comp.name 
_chem_comp.pdbx_synonyms 
_chem_comp.formula 
_chem_comp.formula_weight 
DA  'DNA linking' y "2'-DEOXYADENOSINE-5'-MONOPHOSPHATE"                   ? 'C10 H14 N5 O6 P' 331.222 
DC  'DNA linking' y "2'-DEOXYCYTIDINE-5'-MONOPHOSPHATE"                    ? 'C9 H14 N3 O7 P'  307.197 
DG  'DNA linking' y "2'-DEOXYGUANOSINE-5'-MONOPHOSPHATE"                   ? 'C10 H14 N5 O7 P' 347.221 
DMM non-polymer   . "3'-DESAMINO-3'-(2-METHOXY-4-MORPHOLINYL)-DOXORUBICIN" ? 'C32 H37 N O13'   643.635 
DT  'DNA linking' y "THYMIDINE-5'-MONOPHOSPHATE"                           ? 'C10 H15 N2 O8 P' 322.208 
HOH non-polymer   . WATER                                                  ? 'H2 O'            18.015  
# 
loop_
_pdbx_poly_seq_scheme.asym_id 
_pdbx_poly_seq_scheme.entity_id 
_pdbx_poly_seq_scheme.seq_id 
_pdbx_poly_seq_scheme.mon_id 
_pdbx_poly_seq_scheme.ndb_seq_num 
_pdbx_poly_seq_scheme.pdb_seq_num 
_pdbx_poly_seq_scheme.auth_seq_num 
_pdbx_poly_seq_scheme.pdb_mon_id 
_pdbx_poly_seq_scheme.auth_mon_id 
_pdbx_poly_seq_scheme.pdb_strand_id 
_pdbx_poly_seq_scheme.pdb_ins_code 
_pdbx_poly_seq_scheme.hetero 
A 1 1 DC 1 1 1 DC C A . n 
A 1 2 DG 2 2 2 DG G A . n 
A 1 3 DA 3 3 3 DA A A . n 
A 1 4 DT 4 4 4 DT T A . n 
A 1 5 DC 5 5 5 DC C A . n 
A 1 6 DG 6 6 6 DG G A . n 
# 
loop_
_pdbx_nonpoly_scheme.asym_id 
_pdbx_nonpoly_scheme.entity_id 
_pdbx_nonpoly_scheme.mon_id 
_pdbx_nonpoly_scheme.ndb_seq_num 
_pdbx_nonpoly_scheme.pdb_seq_num 
_pdbx_nonpoly_scheme.auth_seq_num 
_pdbx_nonpoly_scheme.pdb_mon_id 
_pdbx_nonpoly_scheme.auth_mon_id 
_pdbx_nonpoly_scheme.pdb_strand_id 
_pdbx_nonpoly_scheme.pdb_ins_code 
B 2 DMM 1  7  7  DMM DMM A . 
C 3 HOH 1  8  8  HOH HOH A . 
C 3 HOH 2  9  9  HOH HOH A . 
C 3 HOH 3  10 10 HOH HOH A . 
C 3 HOH 4  11 11 HOH HOH A . 
C 3 HOH 5  12 12 HOH HOH A . 
C 3 HOH 6  13 13 HOH HOH A . 
C 3 HOH 7  14 14 HOH HOH A . 
C 3 HOH 8  15 15 HOH HOH A . 
C 3 HOH 9  16 16 HOH HOH A . 
C 3 HOH 10 17 17 HOH HOH A . 
C 3 HOH 11 18 18 HOH HOH A . 
C 3 HOH 12 19 19 HOH HOH A . 
C 3 HOH 13 20 20 HOH HOH A . 
C 3 HOH 14 21 21 HOH HOH A . 
C 3 HOH 15 22 22 HOH HOH A . 
C 3 HOH 16 23 23 HOH HOH A . 
C 3 HOH 17 24 24 HOH HOH A . 
C 3 HOH 18 25 25 HOH HOH A . 
C 3 HOH 19 26 26 HOH HOH A . 
C 3 HOH 20 27 27 HOH HOH A . 
C 3 HOH 21 28 28 HOH HOH A . 
C 3 HOH 22 29 29 HOH HOH A . 
C 3 HOH 23 30 30 HOH HOH A . 
C 3 HOH 24 31 31 HOH HOH A . 
C 3 HOH 25 32 32 HOH HOH A . 
C 3 HOH 26 33 33 HOH HOH A . 
C 3 HOH 27 34 34 HOH HOH A . 
C 3 HOH 28 35 35 HOH HOH A . 
C 3 HOH 29 36 36 HOH HOH A . 
C 3 HOH 30 37 37 HOH HOH A . 
C 3 HOH 31 38 38 HOH HOH A . 
C 3 HOH 32 39 39 HOH HOH A . 
C 3 HOH 33 40 40 HOH HOH A . 
C 3 HOH 34 41 41 HOH HOH A . 
C 3 HOH 35 42 42 HOH HOH A . 
C 3 HOH 36 43 43 HOH HOH A . 
C 3 HOH 37 44 44 HOH HOH A . 
C 3 HOH 38 45 45 HOH HOH A . 
# 
_software.name             NUCLSQ 
_software.classification   refinement 
_software.version          . 
_software.citation_id      ? 
_software.pdbx_ordinal     1 
# 
_cell.entry_id           235D 
_cell.length_a           28.208 
_cell.length_b           28.208 
_cell.length_c           53.497 
_cell.angle_alpha        90.00 
_cell.angle_beta         90.00 
_cell.angle_gamma        90.00 
_cell.Z_PDB              8 
_cell.pdbx_unique_axis   ? 
# 
_symmetry.entry_id                         235D 
_symmetry.space_group_name_H-M             'P 41 21 2' 
_symmetry.pdbx_full_space_group_name_H-M   ? 
_symmetry.cell_setting                     ? 
_symmetry.Int_Tables_number                92 
# 
_exptl.entry_id          235D 
_exptl.method            'X-RAY DIFFRACTION' 
_exptl.crystals_number   ? 
# 
_exptl_crystal.id                    1 
_exptl_crystal.density_meas          ? 
_exptl_crystal.density_Matthews      2.94 
_exptl_crystal.density_percent_sol   58.18 
_exptl_crystal.description           ? 
# 
_exptl_crystal_grow.crystal_id      1 
_exptl_crystal_grow.method          'VAPOR DIFFUSION' 
_exptl_crystal_grow.temp            ? 
_exptl_crystal_grow.temp_details    'ROOM TEMPERATURE' 
_exptl_crystal_grow.pH              6.00 
_exptl_crystal_grow.pdbx_details    'pH 6.00, VAPOR DIFFUSION' 
_exptl_crystal_grow.pdbx_pH_range   ? 
# 
loop_
_exptl_crystal_grow_comp.crystal_id 
_exptl_crystal_grow_comp.id 
_exptl_crystal_grow_comp.sol_id 
_exptl_crystal_grow_comp.name 
_exptl_crystal_grow_comp.volume 
_exptl_crystal_grow_comp.conc 
_exptl_crystal_grow_comp.details 
1 1 1 WATER           ? ? ? 
1 2 1 MPD             ? ? ? 
1 3 1 BACL2           ? ? ? 
1 4 1 'NA CACODYLATE' ? ? ? 
1 5 1 SPERMINE        ? ? ? 
1 6 2 WATER           ? ? ? 
1 7 2 MPD             ? ? ? 
# 
_diffrn.id                     1 
_diffrn.ambient_temp           298.00 
_diffrn.ambient_temp_details   ? 
_diffrn.crystal_id             1 
# 
_diffrn_detector.diffrn_id              1 
_diffrn_detector.detector               DIFFRACTOMETER 
_diffrn_detector.type                   'RIGAKU AFC-5' 
_diffrn_detector.pdbx_collection_date   ? 
_diffrn_detector.details                ? 
# 
_diffrn_radiation.diffrn_id                        1 
_diffrn_radiation.wavelength_id                    1 
_diffrn_radiation.pdbx_monochromatic_or_laue_m_l   ? 
_diffrn_radiation.monochromator                    ? 
_diffrn_radiation.pdbx_diffrn_protocol             ? 
_diffrn_radiation.pdbx_scattering_type             x-ray 
# 
_diffrn_radiation_wavelength.id           1 
_diffrn_radiation_wavelength.wavelength   1.5418 
_diffrn_radiation_wavelength.wt           1.0 
# 
_diffrn_source.diffrn_id                   1 
_diffrn_source.source                      'ROTATING ANODE' 
_diffrn_source.type                        RIGAKU 
_diffrn_source.pdbx_synchrotron_site       ? 
_diffrn_source.pdbx_synchrotron_beamline   ? 
_diffrn_source.pdbx_wavelength             1.5418 
_diffrn_source.pdbx_wavelength_list        ? 
# 
_reflns.entry_id                     235D 
_reflns.observed_criterion_sigma_I   ? 
_reflns.observed_criterion_sigma_F   ? 
_reflns.d_resolution_low             ? 
_reflns.d_resolution_high            1.700 
_reflns.number_obs                   ? 
_reflns.number_all                   ? 
_reflns.percent_possible_obs         ? 
_reflns.pdbx_Rmerge_I_obs            ? 
_reflns.pdbx_Rsym_value              ? 
_reflns.pdbx_netI_over_sigmaI        ? 
_reflns.B_iso_Wilson_estimate        ? 
_reflns.pdbx_redundancy              ? 
_reflns.pdbx_diffrn_id               1 
_reflns.pdbx_ordinal                 1 
# 
_refine.entry_id                                 235D 
_refine.ls_number_reflns_obs                     1557 
_refine.ls_number_reflns_all                     ? 
_refine.pdbx_ls_sigma_I                          ? 
_refine.pdbx_ls_sigma_F                          2.000 
_refine.pdbx_data_cutoff_high_absF               ? 
_refine.pdbx_data_cutoff_low_absF                ? 
_refine.pdbx_data_cutoff_high_rms_absF           ? 
_refine.ls_d_res_low                             ? 
_refine.ls_d_res_high                            1.800 
_refine.ls_percent_reflns_obs                    ? 
_refine.ls_R_factor_obs                          0.1840000 
_refine.ls_R_factor_all                          ? 
_refine.ls_R_factor_R_work                       ? 
_refine.ls_R_factor_R_free                       ? 
_refine.ls_R_factor_R_free_error                 ? 
_refine.ls_R_factor_R_free_error_details         ? 
_refine.ls_percent_reflns_R_free                 ? 
_refine.ls_number_reflns_R_free                  ? 
_refine.ls_number_parameters                     ? 
_refine.ls_number_restraints                     ? 
_refine.occupancy_min                            ? 
_refine.occupancy_max                            ? 
_refine.B_iso_mean                               ? 
_refine.aniso_B[1][1]                            ? 
_refine.aniso_B[2][2]                            ? 
_refine.aniso_B[3][3]                            ? 
_refine.aniso_B[1][2]                            ? 
_refine.aniso_B[1][3]                            ? 
_refine.aniso_B[2][3]                            ? 
_refine.solvent_model_details                    ? 
_refine.solvent_model_param_ksol                 ? 
_refine.solvent_model_param_bsol                 ? 
_refine.pdbx_ls_cross_valid_method               ? 
_refine.details                                  ? 
_refine.pdbx_starting_model                      ? 
_refine.pdbx_method_to_determine_struct          ? 
_refine.pdbx_isotropic_thermal_model             ? 
_refine.pdbx_stereochemistry_target_values       ? 
_refine.pdbx_stereochem_target_val_spec_case     ? 
_refine.pdbx_R_Free_selection_details            ? 
_refine.pdbx_overall_ESU_R                       ? 
_refine.pdbx_overall_ESU_R_Free                  ? 
_refine.overall_SU_ML                            ? 
_refine.overall_SU_B                             ? 
_refine.pdbx_refine_id                           'X-RAY DIFFRACTION' 
_refine.pdbx_diffrn_id                           1 
_refine.pdbx_TLS_residual_ADP_flag               ? 
_refine.correlation_coeff_Fo_to_Fc               ? 
_refine.correlation_coeff_Fo_to_Fc_free          ? 
_refine.pdbx_solvent_vdw_probe_radii             ? 
_refine.pdbx_solvent_ion_probe_radii             ? 
_refine.pdbx_solvent_shrinkage_radii             ? 
_refine.pdbx_overall_phase_error                 ? 
_refine.overall_SU_R_Cruickshank_DPI             ? 
_refine.pdbx_overall_SU_R_free_Cruickshank_DPI   ? 
_refine.pdbx_overall_SU_R_Blow_DPI               ? 
_refine.pdbx_overall_SU_R_free_Blow_DPI          ? 
# 
_refine_hist.pdbx_refine_id                   'X-RAY DIFFRACTION' 
_refine_hist.cycle_id                         LAST 
_refine_hist.pdbx_number_atoms_protein        0 
_refine_hist.pdbx_number_atoms_nucleic_acid   120 
_refine_hist.pdbx_number_atoms_ligand         47 
_refine_hist.number_atoms_solvent             38 
_refine_hist.number_atoms_total               205 
_refine_hist.d_res_high                       1.800 
_refine_hist.d_res_low                        . 
# 
loop_
_refine_ls_restr.type 
_refine_ls_restr.dev_ideal 
_refine_ls_restr.dev_ideal_target 
_refine_ls_restr.weight 
_refine_ls_restr.number 
_refine_ls_restr.pdbx_refine_id 
_refine_ls_restr.pdbx_restraint_function 
n_bond_d               0.015 ? ? ? 'X-RAY DIFFRACTION' ? 
n_angle_d              ?     ? ? ? 'X-RAY DIFFRACTION' ? 
n_planar_d             ?     ? ? ? 'X-RAY DIFFRACTION' ? 
n_hb_or_metal_coord    ?     ? ? ? 'X-RAY DIFFRACTION' ? 
n_sugar_bond_it        ?     ? ? ? 'X-RAY DIFFRACTION' ? 
n_sugar_angle_it       ?     ? ? ? 'X-RAY DIFFRACTION' ? 
n_phos_bond_it         ?     ? ? ? 'X-RAY DIFFRACTION' ? 
n_phos_angle_it        ?     ? ? ? 'X-RAY DIFFRACTION' ? 
n_bond_angle_restr     ?     ? ? ? 'X-RAY DIFFRACTION' ? 
n_dihedral_angle_restr ?     ? ? ? 'X-RAY DIFFRACTION' ? 
n_impr_tor             ?     ? ? ? 'X-RAY DIFFRACTION' ? 
n_sugar_bond_d         ?     ? ? ? 'X-RAY DIFFRACTION' ? 
n_sugar_bond_angle_d   ?     ? ? ? 'X-RAY DIFFRACTION' ? 
n_phos_bond_d          ?     ? ? ? 'X-RAY DIFFRACTION' ? 
n_phos_bond_angle_d    ?     ? ? ? 'X-RAY DIFFRACTION' ? 
n_plane_restr          ?     ? ? ? 'X-RAY DIFFRACTION' ? 
n_chiral_restr         ?     ? ? ? 'X-RAY DIFFRACTION' ? 
n_singtor_nbd          ?     ? ? ? 'X-RAY DIFFRACTION' ? 
n_multtor_nbd          ?     ? ? ? 'X-RAY DIFFRACTION' ? 
n_xhyhbond_nbd         ?     ? ? ? 'X-RAY DIFFRACTION' ? 
# 
_struct.entry_id                  235D 
_struct.title                     
;CRYSTAL STRUCTURE OF FOUR MORPHOLINO-DOXORUBICIN ANTICANCER DRUGS COMPLEXED WITH D(CGTACG) AND D(CGATCG): IMPLICATIONS IN DRUG-DNA CROSSLINK
;
_struct.pdbx_model_details        ? 
_struct.pdbx_CASP_flag            ? 
_struct.pdbx_model_type_details   ? 
# 
_struct_keywords.entry_id        235D 
_struct_keywords.pdbx_keywords   DNA 
_struct_keywords.text            'RIGHT HANDED DNA, DOUBLE HELIX, COMPLEXED WITH DRUG, DNA' 
# 
loop_
_struct_asym.id 
_struct_asym.pdbx_blank_PDB_chainid_flag 
_struct_asym.pdbx_modified 
_struct_asym.entity_id 
_struct_asym.details 
A N N 1 ? 
B N N 2 ? 
C N N 3 ? 
# 
_struct_ref.id                         1 
_struct_ref.entity_id                  1 
_struct_ref.db_name                    PDB 
_struct_ref.db_code                    235D 
_struct_ref.pdbx_db_accession          235D 
_struct_ref.pdbx_db_isoform            ? 
_struct_ref.pdbx_seq_one_letter_code   ? 
_struct_ref.pdbx_align_begin           ? 
# 
_struct_ref_seq.align_id                      1 
_struct_ref_seq.ref_id                        1 
_struct_ref_seq.pdbx_PDB_id_code              235D 
_struct_ref_seq.pdbx_strand_id                A 
_struct_ref_seq.seq_align_beg                 1 
_struct_ref_seq.pdbx_seq_align_beg_ins_code   ? 
_struct_ref_seq.seq_align_end                 6 
_struct_ref_seq.pdbx_seq_align_end_ins_code   ? 
_struct_ref_seq.pdbx_db_accession             235D 
_struct_ref_seq.db_align_beg                  1 
_struct_ref_seq.pdbx_db_align_beg_ins_code    ? 
_struct_ref_seq.db_align_end                  6 
_struct_ref_seq.pdbx_db_align_end_ins_code    ? 
_struct_ref_seq.pdbx_auth_seq_align_beg       1 
_struct_ref_seq.pdbx_auth_seq_align_end       6 
# 
_pdbx_struct_assembly.id                   1 
_pdbx_struct_assembly.details              author_defined_assembly 
_pdbx_struct_assembly.method_details       ? 
_pdbx_struct_assembly.oligomeric_details   dimeric 
_pdbx_struct_assembly.oligomeric_count     2 
# 
_pdbx_struct_assembly_gen.assembly_id       1 
_pdbx_struct_assembly_gen.oper_expression   1,2 
_pdbx_struct_assembly_gen.asym_id_list      A,B,C 
# 
loop_
_pdbx_struct_oper_list.id 
_pdbx_struct_oper_list.type 
_pdbx_struct_oper_list.name 
_pdbx_struct_oper_list.symmetry_operation 
_pdbx_struct_oper_list.matrix[1][1] 
_pdbx_struct_oper_list.matrix[1][2] 
_pdbx_struct_oper_list.matrix[1][3] 
_pdbx_struct_oper_list.vector[1] 
_pdbx_struct_oper_list.matrix[2][1] 
_pdbx_struct_oper_list.matrix[2][2] 
_pdbx_struct_oper_list.matrix[2][3] 
_pdbx_struct_oper_list.vector[2] 
_pdbx_struct_oper_list.matrix[3][1] 
_pdbx_struct_oper_list.matrix[3][2] 
_pdbx_struct_oper_list.matrix[3][3] 
_pdbx_struct_oper_list.vector[3] 
1 'identity operation'         1_555 x,y,z            1.0000000000  0.0000000000 0.0000000000 0.0000000000 0.0000000000 1.0000000000  0.0000000000 0.0000000000 0.0000000000 0.0000000000 1.0000000000 0.0000000000  
2 'crystal symmetry operation' 8_665 -y+1,-x+1,-z+1/2 -0.9996215956 0.0075964787 0.0264378363 4.9659248767 0.0075964787 -0.8475004939 0.5307402438 4.4747612264 0.0264378363 0.5307402438 0.8471220894 -1.3568264855 
# 
_struct_biol.id   1 
# 
loop_
_struct_conn.id 
_struct_conn.conn_type_id 
_struct_conn.pdbx_leaving_atom_flag 
_struct_conn.pdbx_PDB_id 
_struct_conn.ptnr1_label_asym_id 
_struct_conn.ptnr1_label_comp_id 
_struct_conn.ptnr1_label_seq_id 
_struct_conn.ptnr1_label_atom_id 
_struct_conn.pdbx_ptnr1_label_alt_id 
_struct_conn.pdbx_ptnr1_PDB_ins_code 
_struct_conn.pdbx_ptnr1_standard_comp_id 
_struct_conn.ptnr1_symmetry 
_struct_conn.ptnr2_label_asym_id 
_struct_conn.ptnr2_label_comp_id 
_struct_conn.ptnr2_label_seq_id 
_struct_conn.ptnr2_label_atom_id 
_struct_conn.pdbx_ptnr2_label_alt_id 
_struct_conn.pdbx_ptnr2_PDB_ins_code 
_struct_conn.ptnr1_auth_asym_id 
_struct_conn.ptnr1_auth_comp_id 
_struct_conn.ptnr1_auth_seq_id 
_struct_conn.ptnr2_auth_asym_id 
_struct_conn.ptnr2_auth_comp_id 
_struct_conn.ptnr2_auth_seq_id 
_struct_conn.ptnr2_symmetry 
_struct_conn.pdbx_ptnr3_label_atom_id 
_struct_conn.pdbx_ptnr3_label_seq_id 
_struct_conn.pdbx_ptnr3_label_comp_id 
_struct_conn.pdbx_ptnr3_label_asym_id 
_struct_conn.pdbx_ptnr3_label_alt_id 
_struct_conn.pdbx_ptnr3_PDB_ins_code 
_struct_conn.details 
_struct_conn.pdbx_dist_value 
_struct_conn.pdbx_value_order 
_struct_conn.pdbx_role 
hydrog1  hydrog ? ? A DC 1 N3 ? ? ? 1_555 A DG 6 N1 ? ? A DC 1 A DG 6 8_665 ? ? ? ? ? ? WATSON-CRICK ? ? ? 
hydrog2  hydrog ? ? A DC 1 N4 ? ? ? 1_555 A DG 6 O6 ? ? A DC 1 A DG 6 8_665 ? ? ? ? ? ? WATSON-CRICK ? ? ? 
hydrog3  hydrog ? ? A DC 1 O2 ? ? ? 1_555 A DG 6 N2 ? ? A DC 1 A DG 6 8_665 ? ? ? ? ? ? WATSON-CRICK ? ? ? 
hydrog4  hydrog ? ? A DG 2 N1 ? ? ? 1_555 A DC 5 N3 ? ? A DG 2 A DC 5 8_665 ? ? ? ? ? ? WATSON-CRICK ? ? ? 
hydrog5  hydrog ? ? A DG 2 N2 ? ? ? 1_555 A DC 5 O2 ? ? A DG 2 A DC 5 8_665 ? ? ? ? ? ? WATSON-CRICK ? ? ? 
hydrog6  hydrog ? ? A DG 2 O6 ? ? ? 1_555 A DC 5 N4 ? ? A DG 2 A DC 5 8_665 ? ? ? ? ? ? WATSON-CRICK ? ? ? 
hydrog7  hydrog ? ? A DA 3 N1 ? ? ? 1_555 A DT 4 N3 ? ? A DA 3 A DT 4 8_665 ? ? ? ? ? ? WATSON-CRICK ? ? ? 
hydrog8  hydrog ? ? A DA 3 N6 ? ? ? 1_555 A DT 4 O4 ? ? A DA 3 A DT 4 8_665 ? ? ? ? ? ? WATSON-CRICK ? ? ? 
hydrog9  hydrog ? ? A DT 4 N3 ? ? ? 1_555 A DA 3 N1 ? ? A DT 4 A DA 3 8_665 ? ? ? ? ? ? WATSON-CRICK ? ? ? 
hydrog10 hydrog ? ? A DT 4 O4 ? ? ? 1_555 A DA 3 N6 ? ? A DT 4 A DA 3 8_665 ? ? ? ? ? ? WATSON-CRICK ? ? ? 
hydrog11 hydrog ? ? A DC 5 N3 ? ? ? 1_555 A DG 2 N1 ? ? A DC 5 A DG 2 8_665 ? ? ? ? ? ? WATSON-CRICK ? ? ? 
hydrog12 hydrog ? ? A DC 5 N4 ? ? ? 1_555 A DG 2 O6 ? ? A DC 5 A DG 2 8_665 ? ? ? ? ? ? WATSON-CRICK ? ? ? 
hydrog13 hydrog ? ? A DC 5 O2 ? ? ? 1_555 A DG 2 N2 ? ? A DC 5 A DG 2 8_665 ? ? ? ? ? ? WATSON-CRICK ? ? ? 
hydrog14 hydrog ? ? A DG 6 N1 ? ? ? 1_555 A DC 1 N3 ? ? A DG 6 A DC 1 8_665 ? ? ? ? ? ? WATSON-CRICK ? ? ? 
hydrog15 hydrog ? ? A DG 6 N2 ? ? ? 1_555 A DC 1 O2 ? ? A DG 6 A DC 1 8_665 ? ? ? ? ? ? WATSON-CRICK ? ? ? 
hydrog16 hydrog ? ? A DG 6 O6 ? ? ? 1_555 A DC 1 N4 ? ? A DG 6 A DC 1 8_665 ? ? ? ? ? ? WATSON-CRICK ? ? ? 
# 
_struct_conn_type.id          hydrog 
_struct_conn_type.criteria    ? 
_struct_conn_type.reference   ? 
# 
loop_
_struct_site.id 
_struct_site.pdbx_evidence_code 
_struct_site.pdbx_auth_asym_id 
_struct_site.pdbx_auth_comp_id 
_struct_site.pdbx_auth_seq_id 
_struct_site.pdbx_auth_ins_code 
_struct_site.pdbx_num_residues 
_struct_site.details 
AC1 Software A DMM 7 ? 9 'BINDING SITE FOR RESIDUE DMM A 7' 
1   ?        ? ?   ? ? ? ?                                  
# 
loop_
_struct_site_gen.id 
_struct_site_gen.site_id 
_struct_site_gen.pdbx_num_res 
_struct_site_gen.label_comp_id 
_struct_site_gen.label_asym_id 
_struct_site_gen.label_seq_id 
_struct_site_gen.pdbx_auth_ins_code 
_struct_site_gen.auth_comp_id 
_struct_site_gen.auth_asym_id 
_struct_site_gen.auth_seq_id 
_struct_site_gen.label_atom_id 
_struct_site_gen.label_alt_id 
_struct_site_gen.symmetry 
_struct_site_gen.details 
1 AC1 9 DC  A 1 ? DC  A 1  . ? 8_665 ? 
2 AC1 9 DG  A 2 ? DG  A 2  . ? 8_665 ? 
3 AC1 9 DA  A 3 ? DA  A 3  . ? 8_665 ? 
4 AC1 9 DT  A 4 ? DT  A 4  . ? 1_555 ? 
5 AC1 9 DT  A 4 ? DT  A 4  . ? 8_665 ? 
6 AC1 9 DC  A 5 ? DC  A 5  . ? 1_555 ? 
7 AC1 9 DG  A 6 ? DG  A 6  . ? 1_555 ? 
8 AC1 9 HOH C . ? HOH A 14 . ? 1_555 ? 
9 AC1 9 HOH C . ? HOH A 43 . ? 1_555 ? 
# 
_pdbx_validate_symm_contact.id                1 
_pdbx_validate_symm_contact.PDB_model_num     1 
_pdbx_validate_symm_contact.auth_atom_id_1    O 
_pdbx_validate_symm_contact.auth_asym_id_1    A 
_pdbx_validate_symm_contact.auth_comp_id_1    HOH 
_pdbx_validate_symm_contact.auth_seq_id_1     20 
_pdbx_validate_symm_contact.PDB_ins_code_1    ? 
_pdbx_validate_symm_contact.label_alt_id_1    ? 
_pdbx_validate_symm_contact.site_symmetry_1   1_555 
_pdbx_validate_symm_contact.auth_atom_id_2    O 
_pdbx_validate_symm_contact.auth_asym_id_2    A 
_pdbx_validate_symm_contact.auth_comp_id_2    HOH 
_pdbx_validate_symm_contact.auth_seq_id_2     35 
_pdbx_validate_symm_contact.PDB_ins_code_2    ? 
_pdbx_validate_symm_contact.label_alt_id_2    ? 
_pdbx_validate_symm_contact.site_symmetry_2   7_555 
_pdbx_validate_symm_contact.dist              1.84 
# 
loop_
_pdbx_validate_rmsd_angle.id 
_pdbx_validate_rmsd_angle.PDB_model_num 
_pdbx_validate_rmsd_angle.auth_atom_id_1 
_pdbx_validate_rmsd_angle.auth_asym_id_1 
_pdbx_validate_rmsd_angle.auth_comp_id_1 
_pdbx_validate_rmsd_angle.auth_seq_id_1 
_pdbx_validate_rmsd_angle.PDB_ins_code_1 
_pdbx_validate_rmsd_angle.label_alt_id_1 
_pdbx_validate_rmsd_angle.auth_atom_id_2 
_pdbx_validate_rmsd_angle.auth_asym_id_2 
_pdbx_validate_rmsd_angle.auth_comp_id_2 
_pdbx_validate_rmsd_angle.auth_seq_id_2 
_pdbx_validate_rmsd_angle.PDB_ins_code_2 
_pdbx_validate_rmsd_angle.label_alt_id_2 
_pdbx_validate_rmsd_angle.auth_atom_id_3 
_pdbx_validate_rmsd_angle.auth_asym_id_3 
_pdbx_validate_rmsd_angle.auth_comp_id_3 
_pdbx_validate_rmsd_angle.auth_seq_id_3 
_pdbx_validate_rmsd_angle.PDB_ins_code_3 
_pdbx_validate_rmsd_angle.label_alt_id_3 
_pdbx_validate_rmsd_angle.angle_value 
_pdbx_validate_rmsd_angle.angle_target_value 
_pdbx_validate_rmsd_angle.angle_deviation 
_pdbx_validate_rmsd_angle.angle_standard_deviation 
_pdbx_validate_rmsd_angle.linker_flag 
1  1 "O4'" A DC 1 ? ? "C1'" A DC 1 ? ? N1    A DC 1 ? ? 111.86 108.30 3.56  0.30 N 
2  1 C2    A DC 1 ? ? N3    A DC 1 ? ? C4    A DC 1 ? ? 123.31 119.90 3.41  0.50 N 
3  1 OP1   A DG 2 ? ? P     A DG 2 ? ? OP2   A DG 2 ? ? 135.28 119.60 15.68 1.50 N 
4  1 "O5'" A DG 2 ? ? "C5'" A DG 2 ? ? "C4'" A DG 2 ? ? 103.12 109.40 -6.28 0.80 N 
5  1 "C3'" A DG 2 ? ? "C2'" A DG 2 ? ? "C1'" A DG 2 ? ? 94.82  102.40 -7.58 0.80 N 
6  1 "O4'" A DG 2 ? ? "C1'" A DG 2 ? ? N9    A DG 2 ? ? 115.06 108.30 6.76  0.30 N 
7  1 N3    A DG 2 ? ? C2    A DG 2 ? ? N2    A DG 2 ? ? 115.38 119.90 -4.52 0.70 N 
8  1 C5    A DG 2 ? ? C6    A DG 2 ? ? O6    A DG 2 ? ? 124.20 128.60 -4.40 0.60 N 
9  1 OP1   A DA 3 ? ? P     A DA 3 ? ? OP2   A DA 3 ? ? 134.67 119.60 15.07 1.50 N 
10 1 "O4'" A DA 3 ? ? "C1'" A DA 3 ? ? N9    A DA 3 ? ? 111.44 108.30 3.14  0.30 N 
11 1 C6    A DA 3 ? ? N1    A DA 3 ? ? C2    A DA 3 ? ? 123.52 118.60 4.92  0.60 N 
12 1 N1    A DA 3 ? ? C2    A DA 3 ? ? N3    A DA 3 ? ? 125.47 129.30 -3.83 0.50 N 
13 1 C5    A DA 3 ? ? C6    A DA 3 ? ? N1    A DA 3 ? ? 113.79 117.70 -3.91 0.50 N 
14 1 "C3'" A DT 4 ? ? "O3'" A DT 4 ? ? P     A DC 5 ? ? 127.23 119.70 7.53  1.20 Y 
15 1 "O5'" A DC 5 ? ? "C5'" A DC 5 ? ? "C4'" A DC 5 ? ? 103.37 109.40 -6.03 0.80 N 
16 1 "O4'" A DC 5 ? ? "C1'" A DC 5 ? ? N1    A DC 5 ? ? 118.75 108.30 10.45 0.30 N 
# 
_pdbx_validate_chiral.id              1 
_pdbx_validate_chiral.PDB_model_num   1 
_pdbx_validate_chiral.auth_atom_id    C23 
_pdbx_validate_chiral.label_alt_id    ? 
_pdbx_validate_chiral.auth_asym_id    A 
_pdbx_validate_chiral.auth_comp_id    DMM 
_pdbx_validate_chiral.auth_seq_id     7 
_pdbx_validate_chiral.PDB_ins_code    ? 
_pdbx_validate_chiral.details         'WRONG HAND' 
_pdbx_validate_chiral.omega           . 
# 
_struct_site_keywords.site_id   1 
_struct_site_keywords.text      INTERCALATION 
# 
loop_
_chem_comp_atom.comp_id 
_chem_comp_atom.atom_id 
_chem_comp_atom.type_symbol 
_chem_comp_atom.pdbx_aromatic_flag 
_chem_comp_atom.pdbx_stereo_config 
_chem_comp_atom.pdbx_ordinal 
DA  OP3    O N N 1   
DA  P      P N N 2   
DA  OP1    O N N 3   
DA  OP2    O N N 4   
DA  "O5'"  O N N 5   
DA  "C5'"  C N N 6   
DA  "C4'"  C N R 7   
DA  "O4'"  O N N 8   
DA  "C3'"  C N S 9   
DA  "O3'"  O N N 10  
DA  "C2'"  C N N 11  
DA  "C1'"  C N R 12  
DA  N9     N Y N 13  
DA  C8     C Y N 14  
DA  N7     N Y N 15  
DA  C5     C Y N 16  
DA  C6     C Y N 17  
DA  N6     N N N 18  
DA  N1     N Y N 19  
DA  C2     C Y N 20  
DA  N3     N Y N 21  
DA  C4     C Y N 22  
DA  HOP3   H N N 23  
DA  HOP2   H N N 24  
DA  "H5'"  H N N 25  
DA  "H5''" H N N 26  
DA  "H4'"  H N N 27  
DA  "H3'"  H N N 28  
DA  "HO3'" H N N 29  
DA  "H2'"  H N N 30  
DA  "H2''" H N N 31  
DA  "H1'"  H N N 32  
DA  H8     H N N 33  
DA  H61    H N N 34  
DA  H62    H N N 35  
DA  H2     H N N 36  
DC  OP3    O N N 37  
DC  P      P N N 38  
DC  OP1    O N N 39  
DC  OP2    O N N 40  
DC  "O5'"  O N N 41  
DC  "C5'"  C N N 42  
DC  "C4'"  C N R 43  
DC  "O4'"  O N N 44  
DC  "C3'"  C N S 45  
DC  "O3'"  O N N 46  
DC  "C2'"  C N N 47  
DC  "C1'"  C N R 48  
DC  N1     N N N 49  
DC  C2     C N N 50  
DC  O2     O N N 51  
DC  N3     N N N 52  
DC  C4     C N N 53  
DC  N4     N N N 54  
DC  C5     C N N 55  
DC  C6     C N N 56  
DC  HOP3   H N N 57  
DC  HOP2   H N N 58  
DC  "H5'"  H N N 59  
DC  "H5''" H N N 60  
DC  "H4'"  H N N 61  
DC  "H3'"  H N N 62  
DC  "HO3'" H N N 63  
DC  "H2'"  H N N 64  
DC  "H2''" H N N 65  
DC  "H1'"  H N N 66  
DC  H41    H N N 67  
DC  H42    H N N 68  
DC  H5     H N N 69  
DC  H6     H N N 70  
DG  OP3    O N N 71  
DG  P      P N N 72  
DG  OP1    O N N 73  
DG  OP2    O N N 74  
DG  "O5'"  O N N 75  
DG  "C5'"  C N N 76  
DG  "C4'"  C N R 77  
DG  "O4'"  O N N 78  
DG  "C3'"  C N S 79  
DG  "O3'"  O N N 80  
DG  "C2'"  C N N 81  
DG  "C1'"  C N R 82  
DG  N9     N Y N 83  
DG  C8     C Y N 84  
DG  N7     N Y N 85  
DG  C5     C Y N 86  
DG  C6     C N N 87  
DG  O6     O N N 88  
DG  N1     N N N 89  
DG  C2     C N N 90  
DG  N2     N N N 91  
DG  N3     N N N 92  
DG  C4     C Y N 93  
DG  HOP3   H N N 94  
DG  HOP2   H N N 95  
DG  "H5'"  H N N 96  
DG  "H5''" H N N 97  
DG  "H4'"  H N N 98  
DG  "H3'"  H N N 99  
DG  "HO3'" H N N 100 
DG  "H2'"  H N N 101 
DG  "H2''" H N N 102 
DG  "H1'"  H N N 103 
DG  H8     H N N 104 
DG  H1     H N N 105 
DG  H21    H N N 106 
DG  H22    H N N 107 
DMM C1     C Y N 108 
DMM C2     C Y N 109 
DMM C3     C Y N 110 
DMM C4     C Y N 111 
DMM O4     O N N 112 
DMM C5     C Y N 113 
DMM C6     C N N 114 
DMM O6     O N N 115 
DMM C7     C Y N 116 
DMM C8     C Y N 117 
DMM O8     O N N 118 
DMM C9     C Y N 119 
DMM C10    C N S 120 
DMM O10    O N N 121 
DMM C11    C N N 122 
DMM C12    C N S 123 
DMM O12    O N N 124 
DMM C13    C N N 125 
DMM O13    O N N 126 
DMM C14    C N N 127 
DMM O14    O N N 128 
DMM C15    C N N 129 
DMM C16    C Y N 130 
DMM C17    C Y N 131 
DMM O17    O N N 132 
DMM C18    C Y N 133 
DMM C19    C N N 134 
DMM O19    O N N 135 
DMM C20    C Y N 136 
DMM C21    C N N 137 
DMM "C1'"  C N R 138 
DMM "C2'"  C N N 139 
DMM "C3'"  C N S 140 
DMM "C4'"  C N S 141 
DMM "O4'"  O N N 142 
DMM "C5'"  C N S 143 
DMM "O5'"  O N N 144 
DMM "C6'"  C N N 145 
DMM "N3'"  N N N 146 
DMM C33    C N N 147 
DMM C23    C N S 148 
DMM O16    O N N 149 
DMM C63    C N N 150 
DMM C53    C N N 151 
DMM O23    O N N 152 
DMM C73    C N N 153 
DMM H1     H N N 154 
DMM H2     H N N 155 
DMM H3     H N N 156 
DMM HO8    H N N 157 
DMM H10    H N N 158 
DMM H111   H N N 159 
DMM H112   H N N 160 
DMM HO12   H N N 161 
DMM H141   H N N 162 
DMM H142   H N N 163 
DMM HO14   H N N 164 
DMM H151   H N N 165 
DMM H152   H N N 166 
DMM HO17   H N N 167 
DMM H211   H N N 168 
DMM H212   H N N 169 
DMM H213   H N N 170 
DMM "H1'"  H N N 171 
DMM "H2'1" H N N 172 
DMM "H2'2" H N N 173 
DMM "H3'"  H N N 174 
DMM "H4'"  H N N 175 
DMM "HO4'" H N N 176 
DMM "H5'"  H N N 177 
DMM "H6'1" H N N 178 
DMM "H6'2" H N N 179 
DMM "H6'3" H N N 180 
DMM H331   H N N 181 
DMM H332   H N N 182 
DMM H23    H N N 183 
DMM H631   H N N 184 
DMM H632   H N N 185 
DMM H531   H N N 186 
DMM H532   H N N 187 
DMM H731   H N N 188 
DMM H732   H N N 189 
DMM H733   H N N 190 
DT  OP3    O N N 191 
DT  P      P N N 192 
DT  OP1    O N N 193 
DT  OP2    O N N 194 
DT  "O5'"  O N N 195 
DT  "C5'"  C N N 196 
DT  "C4'"  C N R 197 
DT  "O4'"  O N N 198 
DT  "C3'"  C N S 199 
DT  "O3'"  O N N 200 
DT  "C2'"  C N N 201 
DT  "C1'"  C N R 202 
DT  N1     N N N 203 
DT  C2     C N N 204 
DT  O2     O N N 205 
DT  N3     N N N 206 
DT  C4     C N N 207 
DT  O4     O N N 208 
DT  C5     C N N 209 
DT  C7     C N N 210 
DT  C6     C N N 211 
DT  HOP3   H N N 212 
DT  HOP2   H N N 213 
DT  "H5'"  H N N 214 
DT  "H5''" H N N 215 
DT  "H4'"  H N N 216 
DT  "H3'"  H N N 217 
DT  "HO3'" H N N 218 
DT  "H2'"  H N N 219 
DT  "H2''" H N N 220 
DT  "H1'"  H N N 221 
DT  H3     H N N 222 
DT  H71    H N N 223 
DT  H72    H N N 224 
DT  H73    H N N 225 
DT  H6     H N N 226 
HOH O      O N N 227 
HOH H1     H N N 228 
HOH H2     H N N 229 
# 
loop_
_chem_comp_bond.comp_id 
_chem_comp_bond.atom_id_1 
_chem_comp_bond.atom_id_2 
_chem_comp_bond.value_order 
_chem_comp_bond.pdbx_aromatic_flag 
_chem_comp_bond.pdbx_stereo_config 
_chem_comp_bond.pdbx_ordinal 
DA  OP3   P      sing N N 1   
DA  OP3   HOP3   sing N N 2   
DA  P     OP1    doub N N 3   
DA  P     OP2    sing N N 4   
DA  P     "O5'"  sing N N 5   
DA  OP2   HOP2   sing N N 6   
DA  "O5'" "C5'"  sing N N 7   
DA  "C5'" "C4'"  sing N N 8   
DA  "C5'" "H5'"  sing N N 9   
DA  "C5'" "H5''" sing N N 10  
DA  "C4'" "O4'"  sing N N 11  
DA  "C4'" "C3'"  sing N N 12  
DA  "C4'" "H4'"  sing N N 13  
DA  "O4'" "C1'"  sing N N 14  
DA  "C3'" "O3'"  sing N N 15  
DA  "C3'" "C2'"  sing N N 16  
DA  "C3'" "H3'"  sing N N 17  
DA  "O3'" "HO3'" sing N N 18  
DA  "C2'" "C1'"  sing N N 19  
DA  "C2'" "H2'"  sing N N 20  
DA  "C2'" "H2''" sing N N 21  
DA  "C1'" N9     sing N N 22  
DA  "C1'" "H1'"  sing N N 23  
DA  N9    C8     sing Y N 24  
DA  N9    C4     sing Y N 25  
DA  C8    N7     doub Y N 26  
DA  C8    H8     sing N N 27  
DA  N7    C5     sing Y N 28  
DA  C5    C6     sing Y N 29  
DA  C5    C4     doub Y N 30  
DA  C6    N6     sing N N 31  
DA  C6    N1     doub Y N 32  
DA  N6    H61    sing N N 33  
DA  N6    H62    sing N N 34  
DA  N1    C2     sing Y N 35  
DA  C2    N3     doub Y N 36  
DA  C2    H2     sing N N 37  
DA  N3    C4     sing Y N 38  
DC  OP3   P      sing N N 39  
DC  OP3   HOP3   sing N N 40  
DC  P     OP1    doub N N 41  
DC  P     OP2    sing N N 42  
DC  P     "O5'"  sing N N 43  
DC  OP2   HOP2   sing N N 44  
DC  "O5'" "C5'"  sing N N 45  
DC  "C5'" "C4'"  sing N N 46  
DC  "C5'" "H5'"  sing N N 47  
DC  "C5'" "H5''" sing N N 48  
DC  "C4'" "O4'"  sing N N 49  
DC  "C4'" "C3'"  sing N N 50  
DC  "C4'" "H4'"  sing N N 51  
DC  "O4'" "C1'"  sing N N 52  
DC  "C3'" "O3'"  sing N N 53  
DC  "C3'" "C2'"  sing N N 54  
DC  "C3'" "H3'"  sing N N 55  
DC  "O3'" "HO3'" sing N N 56  
DC  "C2'" "C1'"  sing N N 57  
DC  "C2'" "H2'"  sing N N 58  
DC  "C2'" "H2''" sing N N 59  
DC  "C1'" N1     sing N N 60  
DC  "C1'" "H1'"  sing N N 61  
DC  N1    C2     sing N N 62  
DC  N1    C6     sing N N 63  
DC  C2    O2     doub N N 64  
DC  C2    N3     sing N N 65  
DC  N3    C4     doub N N 66  
DC  C4    N4     sing N N 67  
DC  C4    C5     sing N N 68  
DC  N4    H41    sing N N 69  
DC  N4    H42    sing N N 70  
DC  C5    C6     doub N N 71  
DC  C5    H5     sing N N 72  
DC  C6    H6     sing N N 73  
DG  OP3   P      sing N N 74  
DG  OP3   HOP3   sing N N 75  
DG  P     OP1    doub N N 76  
DG  P     OP2    sing N N 77  
DG  P     "O5'"  sing N N 78  
DG  OP2   HOP2   sing N N 79  
DG  "O5'" "C5'"  sing N N 80  
DG  "C5'" "C4'"  sing N N 81  
DG  "C5'" "H5'"  sing N N 82  
DG  "C5'" "H5''" sing N N 83  
DG  "C4'" "O4'"  sing N N 84  
DG  "C4'" "C3'"  sing N N 85  
DG  "C4'" "H4'"  sing N N 86  
DG  "O4'" "C1'"  sing N N 87  
DG  "C3'" "O3'"  sing N N 88  
DG  "C3'" "C2'"  sing N N 89  
DG  "C3'" "H3'"  sing N N 90  
DG  "O3'" "HO3'" sing N N 91  
DG  "C2'" "C1'"  sing N N 92  
DG  "C2'" "H2'"  sing N N 93  
DG  "C2'" "H2''" sing N N 94  
DG  "C1'" N9     sing N N 95  
DG  "C1'" "H1'"  sing N N 96  
DG  N9    C8     sing Y N 97  
DG  N9    C4     sing Y N 98  
DG  C8    N7     doub Y N 99  
DG  C8    H8     sing N N 100 
DG  N7    C5     sing Y N 101 
DG  C5    C6     sing N N 102 
DG  C5    C4     doub Y N 103 
DG  C6    O6     doub N N 104 
DG  C6    N1     sing N N 105 
DG  N1    C2     sing N N 106 
DG  N1    H1     sing N N 107 
DG  C2    N2     sing N N 108 
DG  C2    N3     doub N N 109 
DG  N2    H21    sing N N 110 
DG  N2    H22    sing N N 111 
DG  N3    C4     sing N N 112 
DMM C1    C2     doub Y N 113 
DMM C1    C20    sing Y N 114 
DMM C1    H1     sing N N 115 
DMM C2    C3     sing Y N 116 
DMM C2    H2     sing N N 117 
DMM C3    C4     doub Y N 118 
DMM C3    H3     sing N N 119 
DMM C4    O4     sing N N 120 
DMM C4    C5     sing Y N 121 
DMM O4    C21    sing N N 122 
DMM C5    C6     sing N N 123 
DMM C5    C20    doub Y N 124 
DMM C6    O6     doub N N 125 
DMM C6    C7     sing N N 126 
DMM C7    C8     doub Y N 127 
DMM C7    C18    sing Y N 128 
DMM C8    O8     sing N N 129 
DMM C8    C9     sing Y N 130 
DMM O8    HO8    sing N N 131 
DMM C9    C10    sing N N 132 
DMM C9    C16    doub Y N 133 
DMM C10   O10    sing N N 134 
DMM C10   C11    sing N N 135 
DMM C10   H10    sing N N 136 
DMM O10   "C1'"  sing N N 137 
DMM C11   C12    sing N N 138 
DMM C11   H111   sing N N 139 
DMM C11   H112   sing N N 140 
DMM C12   O12    sing N N 141 
DMM C12   C13    sing N N 142 
DMM C12   C15    sing N N 143 
DMM O12   HO12   sing N N 144 
DMM C13   O13    doub N N 145 
DMM C13   C14    sing N N 146 
DMM C14   O14    sing N N 147 
DMM C14   H141   sing N N 148 
DMM C14   H142   sing N N 149 
DMM O14   HO14   sing N N 150 
DMM C15   C16    sing N N 151 
DMM C15   H151   sing N N 152 
DMM C15   H152   sing N N 153 
DMM C16   C17    sing Y N 154 
DMM C17   O17    sing N N 155 
DMM C17   C18    doub Y N 156 
DMM O17   HO17   sing N N 157 
DMM C18   C19    sing N N 158 
DMM C19   O19    doub N N 159 
DMM C19   C20    sing N N 160 
DMM C21   H211   sing N N 161 
DMM C21   H212   sing N N 162 
DMM C21   H213   sing N N 163 
DMM "C1'" "C2'"  sing N N 164 
DMM "C1'" "O5'"  sing N N 165 
DMM "C1'" "H1'"  sing N N 166 
DMM "C2'" "C3'"  sing N N 167 
DMM "C2'" "H2'1" sing N N 168 
DMM "C2'" "H2'2" sing N N 169 
DMM "C3'" "C4'"  sing N N 170 
DMM "C3'" "N3'"  sing N N 171 
DMM "C3'" "H3'"  sing N N 172 
DMM "C4'" "O4'"  sing N N 173 
DMM "C4'" "C5'"  sing N N 174 
DMM "C4'" "H4'"  sing N N 175 
DMM "O4'" "HO4'" sing N N 176 
DMM "C5'" "O5'"  sing N N 177 
DMM "C5'" "C6'"  sing N N 178 
DMM "C5'" "H5'"  sing N N 179 
DMM "C6'" "H6'1" sing N N 180 
DMM "C6'" "H6'2" sing N N 181 
DMM "C6'" "H6'3" sing N N 182 
DMM "N3'" C33    sing N N 183 
DMM "N3'" C53    sing N N 184 
DMM C33   C23    sing N N 185 
DMM C33   H331   sing N N 186 
DMM C33   H332   sing N N 187 
DMM C23   O16    sing N N 188 
DMM C23   O23    sing N N 189 
DMM C23   H23    sing N N 190 
DMM O16   C63    sing N N 191 
DMM C63   C53    sing N N 192 
DMM C63   H631   sing N N 193 
DMM C63   H632   sing N N 194 
DMM C53   H531   sing N N 195 
DMM C53   H532   sing N N 196 
DMM O23   C73    sing N N 197 
DMM C73   H731   sing N N 198 
DMM C73   H732   sing N N 199 
DMM C73   H733   sing N N 200 
DT  OP3   P      sing N N 201 
DT  OP3   HOP3   sing N N 202 
DT  P     OP1    doub N N 203 
DT  P     OP2    sing N N 204 
DT  P     "O5'"  sing N N 205 
DT  OP2   HOP2   sing N N 206 
DT  "O5'" "C5'"  sing N N 207 
DT  "C5'" "C4'"  sing N N 208 
DT  "C5'" "H5'"  sing N N 209 
DT  "C5'" "H5''" sing N N 210 
DT  "C4'" "O4'"  sing N N 211 
DT  "C4'" "C3'"  sing N N 212 
DT  "C4'" "H4'"  sing N N 213 
DT  "O4'" "C1'"  sing N N 214 
DT  "C3'" "O3'"  sing N N 215 
DT  "C3'" "C2'"  sing N N 216 
DT  "C3'" "H3'"  sing N N 217 
DT  "O3'" "HO3'" sing N N 218 
DT  "C2'" "C1'"  sing N N 219 
DT  "C2'" "H2'"  sing N N 220 
DT  "C2'" "H2''" sing N N 221 
DT  "C1'" N1     sing N N 222 
DT  "C1'" "H1'"  sing N N 223 
DT  N1    C2     sing N N 224 
DT  N1    C6     sing N N 225 
DT  C2    O2     doub N N 226 
DT  C2    N3     sing N N 227 
DT  N3    C4     sing N N 228 
DT  N3    H3     sing N N 229 
DT  C4    O4     doub N N 230 
DT  C4    C5     sing N N 231 
DT  C5    C7     sing N N 232 
DT  C5    C6     doub N N 233 
DT  C7    H71    sing N N 234 
DT  C7    H72    sing N N 235 
DT  C7    H73    sing N N 236 
DT  C6    H6     sing N N 237 
HOH O     H1     sing N N 238 
HOH O     H2     sing N N 239 
# 
loop_
_ndb_struct_conf_na.entry_id 
_ndb_struct_conf_na.feature 
235D 'double helix'        
235D 'b-form double helix' 
# 
loop_
_ndb_struct_na_base_pair.model_number 
_ndb_struct_na_base_pair.i_label_asym_id 
_ndb_struct_na_base_pair.i_label_comp_id 
_ndb_struct_na_base_pair.i_label_seq_id 
_ndb_struct_na_base_pair.i_symmetry 
_ndb_struct_na_base_pair.j_label_asym_id 
_ndb_struct_na_base_pair.j_label_comp_id 
_ndb_struct_na_base_pair.j_label_seq_id 
_ndb_struct_na_base_pair.j_symmetry 
_ndb_struct_na_base_pair.shear 
_ndb_struct_na_base_pair.stretch 
_ndb_struct_na_base_pair.stagger 
_ndb_struct_na_base_pair.buckle 
_ndb_struct_na_base_pair.propeller 
_ndb_struct_na_base_pair.opening 
_ndb_struct_na_base_pair.pair_number 
_ndb_struct_na_base_pair.pair_name 
_ndb_struct_na_base_pair.i_auth_asym_id 
_ndb_struct_na_base_pair.i_auth_seq_id 
_ndb_struct_na_base_pair.i_PDB_ins_code 
_ndb_struct_na_base_pair.j_auth_asym_id 
_ndb_struct_na_base_pair.j_auth_seq_id 
_ndb_struct_na_base_pair.j_PDB_ins_code 
_ndb_struct_na_base_pair.hbond_type_28 
_ndb_struct_na_base_pair.hbond_type_12 
1 A DC 1 1_555 A DG 6 8_665 0.151  -0.202 -0.174 8.519   -0.497 -0.273 1 A_DC1:DG6_A A 1 ? A 6 ? 19 1 
1 A DG 2 1_555 A DC 5 8_665 -0.132 -0.206 -0.265 -15.218 0.787  1.682  2 A_DG2:DC5_A A 2 ? A 5 ? 19 1 
1 A DA 3 1_555 A DT 4 8_665 0.265  -0.170 0.118  -10.354 1.115  0.751  3 A_DA3:DT4_A A 3 ? A 4 ? 20 1 
1 A DT 4 1_555 A DA 3 8_665 -0.265 -0.170 0.118  10.354  1.115  0.751  4 A_DT4:DA3_A A 4 ? A 3 ? 20 1 
1 A DC 5 1_555 A DG 2 8_665 0.132  -0.206 -0.265 15.218  0.787  1.682  5 A_DC5:DG2_A A 5 ? A 2 ? 19 1 
1 A DG 6 1_555 A DC 1 8_665 -0.151 -0.202 -0.174 -8.519  -0.497 -0.273 6 A_DG6:DC1_A A 6 ? A 1 ? 19 1 
# 
loop_
_ndb_struct_na_base_pair_step.model_number 
_ndb_struct_na_base_pair_step.i_label_asym_id_1 
_ndb_struct_na_base_pair_step.i_label_comp_id_1 
_ndb_struct_na_base_pair_step.i_label_seq_id_1 
_ndb_struct_na_base_pair_step.i_symmetry_1 
_ndb_struct_na_base_pair_step.j_label_asym_id_1 
_ndb_struct_na_base_pair_step.j_label_comp_id_1 
_ndb_struct_na_base_pair_step.j_label_seq_id_1 
_ndb_struct_na_base_pair_step.j_symmetry_1 
_ndb_struct_na_base_pair_step.i_label_asym_id_2 
_ndb_struct_na_base_pair_step.i_label_comp_id_2 
_ndb_struct_na_base_pair_step.i_label_seq_id_2 
_ndb_struct_na_base_pair_step.i_symmetry_2 
_ndb_struct_na_base_pair_step.j_label_asym_id_2 
_ndb_struct_na_base_pair_step.j_label_comp_id_2 
_ndb_struct_na_base_pair_step.j_label_seq_id_2 
_ndb_struct_na_base_pair_step.j_symmetry_2 
_ndb_struct_na_base_pair_step.shift 
_ndb_struct_na_base_pair_step.slide 
_ndb_struct_na_base_pair_step.rise 
_ndb_struct_na_base_pair_step.tilt 
_ndb_struct_na_base_pair_step.roll 
_ndb_struct_na_base_pair_step.twist 
_ndb_struct_na_base_pair_step.x_displacement 
_ndb_struct_na_base_pair_step.y_displacement 
_ndb_struct_na_base_pair_step.helical_rise 
_ndb_struct_na_base_pair_step.inclination 
_ndb_struct_na_base_pair_step.tip 
_ndb_struct_na_base_pair_step.helical_twist 
_ndb_struct_na_base_pair_step.step_number 
_ndb_struct_na_base_pair_step.step_name 
_ndb_struct_na_base_pair_step.i_auth_asym_id_1 
_ndb_struct_na_base_pair_step.i_auth_seq_id_1 
_ndb_struct_na_base_pair_step.i_PDB_ins_code_1 
_ndb_struct_na_base_pair_step.j_auth_asym_id_1 
_ndb_struct_na_base_pair_step.j_auth_seq_id_1 
_ndb_struct_na_base_pair_step.j_PDB_ins_code_1 
_ndb_struct_na_base_pair_step.i_auth_asym_id_2 
_ndb_struct_na_base_pair_step.i_auth_seq_id_2 
_ndb_struct_na_base_pair_step.i_PDB_ins_code_2 
_ndb_struct_na_base_pair_step.j_auth_asym_id_2 
_ndb_struct_na_base_pair_step.j_auth_seq_id_2 
_ndb_struct_na_base_pair_step.j_PDB_ins_code_2 
1 A DC 1 1_555 A DG 6 8_665 A DG 2 1_555 A DC 5 8_665 1.241  1.094  7.091 -0.134 -2.970 35.221 2.747  -2.087 6.974 -4.898 0.220  
35.342 1 AA_DC1DG2:DC5DG6_AA A 1 ? A 6 ? A 2 ? A 5 ? 
1 A DG 2 1_555 A DC 5 8_665 A DA 3 1_555 A DT 4 8_665 -1.014 0.304  3.366 -5.540 1.910  32.882 0.194  0.795  3.498 3.342  9.690  
33.386 2 AA_DG2DA3:DT4DC5_AA A 2 ? A 5 ? A 3 ? A 4 ? 
1 A DA 3 1_555 A DT 4 8_665 A DT 4 1_555 A DA 3 8_665 0.000  -0.554 2.909 0.000  2.379  29.613 -1.522 0.000  2.856 4.646  0.000  
29.706 3 AA_DA3DT4:DA3DT4_AA A 3 ? A 4 ? A 4 ? A 3 ? 
1 A DT 4 1_555 A DA 3 8_665 A DC 5 1_555 A DG 2 8_665 1.014  0.304  3.366 5.540  1.910  32.882 0.194  -0.795 3.498 3.342  -9.690 
33.386 4 AA_DT4DC5:DG2DA3_AA A 4 ? A 3 ? A 5 ? A 2 ? 
1 A DC 5 1_555 A DG 2 8_665 A DG 6 1_555 A DC 1 8_665 -1.241 1.094  7.091 0.134  -2.970 35.221 2.747  2.087  6.974 -4.898 -0.220 
35.342 5 AA_DC5DG6:DC1DG2_AA A 5 ? A 2 ? A 6 ? A 1 ? 
# 
_atom_sites.entry_id                    235D 
_atom_sites.fract_transf_matrix[1][1]   -0.02413458 
_atom_sites.fract_transf_matrix[1][2]   0.00075604 
_atom_sites.fract_transf_matrix[1][3]   -0.02595619 
_atom_sites.fract_transf_matrix[2][1]   -0.02344497 
_atom_sites.fract_transf_matrix[2][2]   0.01460008 
_atom_sites.fract_transf_matrix[2][3]   0.02222486 
_atom_sites.fract_transf_matrix[3][1]   0.00588654 
_atom_sites.fract_transf_matrix[3][2]   0.01702946 
_atom_sites.fract_transf_matrix[3][3]   -0.00497739 
_atom_sites.fract_transf_vector[1]      0.575038 
_atom_sites.fract_transf_vector[2]      0.506213 
_atom_sites.fract_transf_vector[3]      0.193911 
# 
loop_
_atom_type.symbol 
C 
N 
O 
P 
# 
loop_
_atom_site.group_PDB 
_atom_site.id 
_atom_site.type_symbol 
_atom_site.label_atom_id 
_atom_site.label_alt_id 
_atom_site.label_comp_id 
_atom_site.label_asym_id 
_atom_site.label_entity_id 
_atom_site.label_seq_id 
_atom_site.pdbx_PDB_ins_code 
_atom_site.Cartn_x 
_atom_site.Cartn_y 
_atom_site.Cartn_z 
_atom_site.occupancy 
_atom_site.B_iso_or_equiv 
_atom_site.pdbx_formal_charge 
_atom_site.auth_seq_id 
_atom_site.auth_comp_id 
_atom_site.auth_asym_id 
_atom_site.auth_atom_id 
_atom_site.pdbx_PDB_model_num 
ATOM   1   O "O5'" . DC  A 1 1 ? 4.475   14.029  5.357  1.00 13.23 ? 1  DC  A "O5'" 1 
ATOM   2   C "C5'" . DC  A 1 1 ? 4.070   15.418  5.305  1.00 12.81 ? 1  DC  A "C5'" 1 
ATOM   3   C "C4'" . DC  A 1 1 ? 3.106   15.553  4.127  1.00 12.94 ? 1  DC  A "C4'" 1 
ATOM   4   O "O4'" . DC  A 1 1 ? 3.864   15.840  2.974  1.00 12.70 ? 1  DC  A "O4'" 1 
ATOM   5   C "C3'" . DC  A 1 1 ? 2.292   14.307  3.804  1.00 13.01 ? 1  DC  A "C3'" 1 
ATOM   6   O "O3'" . DC  A 1 1 ? 0.962   14.621  3.427  1.00 13.67 ? 1  DC  A "O3'" 1 
ATOM   7   C "C2'" . DC  A 1 1 ? 3.016   13.682  2.624  1.00 12.58 ? 1  DC  A "C2'" 1 
ATOM   8   C "C1'" . DC  A 1 1 ? 3.638   14.904  1.934  1.00 12.01 ? 1  DC  A "C1'" 1 
ATOM   9   N N1    . DC  A 1 1 ? 4.885   14.459  1.324  1.00 11.36 ? 1  DC  A N1    1 
ATOM   10  C C2    . DC  A 1 1 ? 4.902   14.287  -0.049 1.00 10.85 ? 1  DC  A C2    1 
ATOM   11  O O2    . DC  A 1 1 ? 3.901   14.541  -0.706 1.00 10.28 ? 1  DC  A O2    1 
ATOM   12  N N3    . DC  A 1 1 ? 6.055   13.832  -0.584 1.00 10.40 ? 1  DC  A N3    1 
ATOM   13  C C4    . DC  A 1 1 ? 7.151   13.566  0.143  1.00 10.73 ? 1  DC  A C4    1 
ATOM   14  N N4    . DC  A 1 1 ? 8.255   13.110  -0.431 1.00 10.55 ? 1  DC  A N4    1 
ATOM   15  C C5    . DC  A 1 1 ? 7.144   13.761  1.569  1.00 10.92 ? 1  DC  A C5    1 
ATOM   16  C C6    . DC  A 1 1 ? 5.989   14.174  2.077  1.00 11.07 ? 1  DC  A C6    1 
ATOM   17  P P     . DG  A 1 2 ? -0.375  14.056  4.112  1.00 19.59 ? 2  DG  A P     1 
ATOM   18  O OP1   . DG  A 1 2 ? -1.186  15.211  3.667  1.00 18.14 ? 2  DG  A OP1   1 
ATOM   19  O OP2   . DG  A 1 2 ? -0.114  13.381  5.424  1.00 19.23 ? 2  DG  A OP2   1 
ATOM   20  O "O5'" . DG  A 1 2 ? -0.777  12.773  3.184  1.00 15.15 ? 2  DG  A "O5'" 1 
ATOM   21  C "C5'" . DG  A 1 2 ? -1.112  13.064  1.794  1.00 14.39 ? 2  DG  A "C5'" 1 
ATOM   22  C "C4'" . DG  A 1 2 ? -1.289  11.685  1.186  1.00 14.07 ? 2  DG  A "C4'" 1 
ATOM   23  O "O4'" . DG  A 1 2 ? 0.020   11.166  0.978  1.00 13.58 ? 2  DG  A "O4'" 1 
ATOM   24  C "C3'" . DG  A 1 2 ? -2.028  10.651  2.021  1.00 13.93 ? 2  DG  A "C3'" 1 
ATOM   25  O "O3'" . DG  A 1 2 ? -2.729  9.678   1.256  1.00 14.60 ? 2  DG  A "O3'" 1 
ATOM   26  C "C2'" . DG  A 1 2 ? -0.860  9.946   2.755  1.00 13.55 ? 2  DG  A "C2'" 1 
ATOM   27  C "C1'" . DG  A 1 2 ? 0.028   9.824   1.498  1.00 12.88 ? 2  DG  A "C1'" 1 
ATOM   28  N N9    . DG  A 1 2 ? 1.341   9.310   1.854  1.00 12.11 ? 2  DG  A N9    1 
ATOM   29  C C8    . DG  A 1 2 ? 1.981   9.346   3.059  1.00 11.76 ? 2  DG  A C8    1 
ATOM   30  N N7    . DG  A 1 2 ? 3.149   8.779   3.043  1.00 11.74 ? 2  DG  A N7    1 
ATOM   31  C C5    . DG  A 1 2 ? 3.288   8.271   1.769  1.00 11.28 ? 2  DG  A C5    1 
ATOM   32  C C6    . DG  A 1 2 ? 4.338   7.547   1.138  1.00 11.01 ? 2  DG  A C6    1 
ATOM   33  O O6    . DG  A 1 2 ? 5.421   7.263   1.686  1.00 10.88 ? 2  DG  A O6    1 
ATOM   34  N N1    . DG  A 1 2 ? 4.133   7.308   -0.185 1.00 10.47 ? 2  DG  A N1    1 
ATOM   35  C C2    . DG  A 1 2 ? 2.989   7.675   -0.824 1.00 10.62 ? 2  DG  A C2    1 
ATOM   36  N N2    . DG  A 1 2 ? 2.821   7.345   -2.111 1.00 10.27 ? 2  DG  A N2    1 
ATOM   37  N N3    . DG  A 1 2 ? 1.993   8.349   -0.279 1.00 10.86 ? 2  DG  A N3    1 
ATOM   38  C C4    . DG  A 1 2 ? 2.193   8.608   1.005  1.00 11.48 ? 2  DG  A C4    1 
ATOM   39  P P     . DA  A 1 3 ? -4.319  9.385   1.387  1.00 19.03 ? 3  DA  A P     1 
ATOM   40  O OP1   . DA  A 1 3 ? -4.933  10.697  1.113  1.00 18.12 ? 3  DA  A OP1   1 
ATOM   41  O OP2   . DA  A 1 3 ? -4.217  8.507   2.583  1.00 19.27 ? 3  DA  A OP2   1 
ATOM   42  O "O5'" . DA  A 1 3 ? -4.602  8.486   0.085  1.00 15.52 ? 3  DA  A "O5'" 1 
ATOM   43  C "C5'" . DA  A 1 3 ? -4.293  9.042   -1.222 1.00 14.40 ? 3  DA  A "C5'" 1 
ATOM   44  C "C4'" . DA  A 1 3 ? -3.751  7.891   -2.046 1.00 14.14 ? 3  DA  A "C4'" 1 
ATOM   45  O "O4'" . DA  A 1 3 ? -2.396  7.697   -1.753 1.00 13.78 ? 3  DA  A "O4'" 1 
ATOM   46  C "C3'" . DA  A 1 3 ? -4.447  6.560   -1.802 1.00 13.97 ? 3  DA  A "C3'" 1 
ATOM   47  O "O3'" . DA  A 1 3 ? -5.008  6.073   -3.005 1.00 14.65 ? 3  DA  A "O3'" 1 
ATOM   48  C "C2'" . DA  A 1 3 ? -3.384  5.636   -1.253 1.00 13.82 ? 3  DA  A "C2'" 1 
ATOM   49  C "C1'" . DA  A 1 3 ? -2.089  6.311   -1.652 1.00 13.33 ? 3  DA  A "C1'" 1 
ATOM   50  N N9    . DA  A 1 3 ? -1.104  6.056   -0.595 1.00 12.81 ? 3  DA  A N9    1 
ATOM   51  C C8    . DA  A 1 3 ? -1.145  6.487   0.713  1.00 12.60 ? 3  DA  A C8    1 
ATOM   52  N N7    . DA  A 1 3 ? -0.120  6.090   1.430  1.00 12.53 ? 3  DA  A N7    1 
ATOM   53  C C5    . DA  A 1 3 ? 0.642   5.354   0.516  1.00 12.35 ? 3  DA  A C5    1 
ATOM   54  C C6    . DA  A 1 3 ? 1.862   4.652   0.679  1.00 12.33 ? 3  DA  A C6    1 
ATOM   55  N N6    . DA  A 1 3 ? 2.567   4.610   1.794  1.00 12.16 ? 3  DA  A N6    1 
ATOM   56  N N1    . DA  A 1 3 ? 2.315   4.061   -0.465 1.00 11.97 ? 3  DA  A N1    1 
ATOM   57  C C2    . DA  A 1 3 ? 1.640   4.091   -1.642 1.00 11.96 ? 3  DA  A C2    1 
ATOM   58  N N3    . DA  A 1 3 ? 0.472   4.704   -1.850 1.00 12.17 ? 3  DA  A N3    1 
ATOM   59  C C4    . DA  A 1 3 ? 0.040   5.319   -0.717 1.00 12.49 ? 3  DA  A C4    1 
ATOM   60  P P     . DT  A 1 4 ? -5.921  4.727   -3.063 1.00 17.22 ? 4  DT  A P     1 
ATOM   61  O OP1   . DT  A 1 4 ? -6.890  5.184   -4.074 1.00 18.78 ? 4  DT  A OP1   1 
ATOM   62  O OP2   . DT  A 1 4 ? -6.166  4.410   -1.645 1.00 18.16 ? 4  DT  A OP2   1 
ATOM   63  O "O5'" . DT  A 1 4 ? -4.922  3.641   -3.630 1.00 14.80 ? 4  DT  A "O5'" 1 
ATOM   64  C "C5'" . DT  A 1 4 ? -3.992  3.839   -4.705 1.00 14.16 ? 4  DT  A "C5'" 1 
ATOM   65  C "C4'" . DT  A 1 4 ? -3.206  2.547   -4.841 1.00 14.18 ? 4  DT  A "C4'" 1 
ATOM   66  O "O4'" . DT  A 1 4 ? -2.136  2.562   -3.924 1.00 13.86 ? 4  DT  A "O4'" 1 
ATOM   67  C "C3'" . DT  A 1 4 ? -3.953  1.230   -4.605 1.00 14.11 ? 4  DT  A "C3'" 1 
ATOM   68  O "O3'" . DT  A 1 4 ? -3.672  0.382   -5.708 1.00 14.19 ? 4  DT  A "O3'" 1 
ATOM   69  C "C2'" . DT  A 1 4 ? -3.406  0.668   -3.307 1.00 13.88 ? 4  DT  A "C2'" 1 
ATOM   70  C "C1'" . DT  A 1 4 ? -2.046  1.301   -3.252 1.00 13.76 ? 4  DT  A "C1'" 1 
ATOM   71  N N1    . DT  A 1 4 ? -1.649  1.593   -1.860 1.00 13.55 ? 4  DT  A N1    1 
ATOM   72  C C2    . DT  A 1 4 ? -0.341  1.222   -1.564 1.00 13.44 ? 4  DT  A C2    1 
ATOM   73  O O2    . DT  A 1 4 ? 0.365   0.676   -2.418 1.00 13.75 ? 4  DT  A O2    1 
ATOM   74  N N3    . DT  A 1 4 ? 0.094   1.487   -0.325 1.00 13.20 ? 4  DT  A N3    1 
ATOM   75  C C4    . DT  A 1 4 ? -0.653  2.093   0.627  1.00 13.26 ? 4  DT  A C4    1 
ATOM   76  O O4    . DT  A 1 4 ? -0.137  2.289   1.762  1.00 12.85 ? 4  DT  A O4    1 
ATOM   77  C C5    . DT  A 1 4 ? -1.983  2.513   0.288  1.00 13.28 ? 4  DT  A C5    1 
ATOM   78  C C7    . DT  A 1 4 ? -2.833  3.199   1.308  1.00 13.22 ? 4  DT  A C7    1 
ATOM   79  C C6    . DT  A 1 4 ? -2.422  2.231   -0.956 1.00 13.33 ? 4  DT  A C6    1 
ATOM   80  P P     . DC  A 1 5 ? -4.463  -0.945  -6.139 1.00 16.14 ? 5  DC  A P     1 
ATOM   81  O OP1   . DC  A 1 5 ? -4.083  -1.066  -7.590 1.00 16.11 ? 5  DC  A OP1   1 
ATOM   82  O OP2   . DC  A 1 5 ? -5.837  -0.735  -5.719 1.00 17.67 ? 5  DC  A OP2   1 
ATOM   83  O "O5'" . DC  A 1 5 ? -3.660  -2.074  -5.378 1.00 14.20 ? 5  DC  A "O5'" 1 
ATOM   84  C "C5'" . DC  A 1 5 ? -2.468  -2.655  -5.972 1.00 13.44 ? 5  DC  A "C5'" 1 
ATOM   85  C "C4'" . DC  A 1 5 ? -1.894  -3.496  -4.854 1.00 13.37 ? 5  DC  A "C4'" 1 
ATOM   86  O "O4'" . DC  A 1 5 ? -1.613  -2.577  -3.771 1.00 13.07 ? 5  DC  A "O4'" 1 
ATOM   87  C "C3'" . DC  A 1 5 ? -2.784  -4.565  -4.262 1.00 13.46 ? 5  DC  A "C3'" 1 
ATOM   88  O "O3'" . DC  A 1 5 ? -2.076  -5.778  -4.019 1.00 13.81 ? 5  DC  A "O3'" 1 
ATOM   89  C "C2'" . DC  A 1 5 ? -3.218  -3.961  -2.912 1.00 13.08 ? 5  DC  A "C2'" 1 
ATOM   90  C "C1'" . DC  A 1 5 ? -1.896  -3.219  -2.567 1.00 12.62 ? 5  DC  A "C1'" 1 
ATOM   91  N N1    . DC  A 1 5 ? -2.109  -2.409  -1.371 1.00 12.21 ? 5  DC  A N1    1 
ATOM   92  C C2    . DC  A 1 5 ? -1.018  -2.298  -0.506 1.00 11.82 ? 5  DC  A C2    1 
ATOM   93  O O2    . DC  A 1 5 ? 0.044   -2.827  -0.819 1.00 11.83 ? 5  DC  A O2    1 
ATOM   94  N N3    . DC  A 1 5 ? -1.196  -1.630  0.646  1.00 11.75 ? 5  DC  A N3    1 
ATOM   95  C C4    . DC  A 1 5 ? -2.374  -1.063  0.988  1.00 11.89 ? 5  DC  A C4    1 
ATOM   96  N N4    . DC  A 1 5 ? -2.477  -0.436  2.173  1.00 11.76 ? 5  DC  A N4    1 
ATOM   97  C C5    . DC  A 1 5 ? -3.483  -1.169  0.120  1.00 11.92 ? 5  DC  A C5    1 
ATOM   98  C C6    . DC  A 1 5 ? -3.318  -1.851  -1.012 1.00 12.12 ? 5  DC  A C6    1 
ATOM   99  P P     . DG  A 1 6 ? -2.022  -6.979  -5.053 1.00 16.15 ? 6  DG  A P     1 
ATOM   100 O OP1   . DG  A 1 6 ? -1.502  -6.473  -6.360 1.00 17.60 ? 6  DG  A OP1   1 
ATOM   101 O OP2   . DG  A 1 6 ? -3.431  -7.416  -4.837 1.00 16.02 ? 6  DG  A OP2   1 
ATOM   102 O "O5'" . DG  A 1 6 ? -1.040  -8.086  -4.464 1.00 13.66 ? 6  DG  A "O5'" 1 
ATOM   103 C "C5'" . DG  A 1 6 ? 0.326   -7.757  -4.153 1.00 12.96 ? 6  DG  A "C5'" 1 
ATOM   104 C "C4'" . DG  A 1 6 ? 0.957   -8.984  -3.550 1.00 12.67 ? 6  DG  A "C4'" 1 
ATOM   105 O "O4'" . DG  A 1 6 ? 0.736   -9.029  -2.171 1.00 12.38 ? 6  DG  A "O4'" 1 
ATOM   106 C "C3'" . DG  A 1 6 ? 0.459   -10.343 -4.024 1.00 12.40 ? 6  DG  A "C3'" 1 
ATOM   107 O "O3'" . DG  A 1 6 ? 1.582   -11.229 -4.039 1.00 13.05 ? 6  DG  A "O3'" 1 
ATOM   108 C "C2'" . DG  A 1 6 ? -0.607  -10.730 -3.010 1.00 12.17 ? 6  DG  A "C2'" 1 
ATOM   109 C "C1'" . DG  A 1 6 ? -0.018  -10.181 -1.745 1.00 11.63 ? 6  DG  A "C1'" 1 
ATOM   110 N N9    . DG  A 1 6 ? -1.032  -9.645  -0.827 1.00 10.97 ? 6  DG  A N9    1 
ATOM   111 C C8    . DG  A 1 6 ? -2.306  -9.255  -1.137 1.00 10.84 ? 6  DG  A C8    1 
ATOM   112 N N7    . DG  A 1 6 ? -2.951  -8.717  -0.144 1.00 10.63 ? 6  DG  A N7    1 
ATOM   113 C C5    . DG  A 1 6 ? -2.020  -8.733  0.905  1.00 10.19 ? 6  DG  A C5    1 
ATOM   114 C C6    . DG  A 1 6 ? -2.157  -8.327  2.250  1.00 9.88  ? 6  DG  A C6    1 
ATOM   115 O O6    . DG  A 1 6 ? -3.144  -7.800  2.747  1.00 9.66  ? 6  DG  A O6    1 
ATOM   116 N N1    . DG  A 1 6 ? -1.022  -8.484  2.997  1.00 9.39  ? 6  DG  A N1    1 
ATOM   117 C C2    . DG  A 1 6 ? 0.107   -9.020  2.479  1.00 9.39  ? 6  DG  A C2    1 
ATOM   118 N N2    . DG  A 1 6 ? 1.144   -9.167  3.282  1.00 9.10  ? 6  DG  A N2    1 
ATOM   119 N N3    . DG  A 1 6 ? 0.275   -9.457  1.224  1.00 9.91  ? 6  DG  A N3    1 
ATOM   120 C C4    . DG  A 1 6 ? -0.853  -9.285  0.497  1.00 10.46 ? 6  DG  A C4    1 
HETATM 121 C C1    . DMM B 2 . ? -3.719  -3.140  4.451  1.00 13.96 ? 7  DMM A C1    1 
HETATM 122 C C2    . DMM B 2 . ? -5.010  -2.775  4.052  1.00 13.97 ? 7  DMM A C2    1 
HETATM 123 C C3    . DMM B 2 . ? -5.474  -3.091  2.681  1.00 14.21 ? 7  DMM A C3    1 
HETATM 124 C C4    . DMM B 2 . ? -4.565  -3.814  1.785  1.00 14.38 ? 7  DMM A C4    1 
HETATM 125 O O4    . DMM B 2 . ? -4.840  -4.177  0.539  1.00 14.83 ? 7  DMM A O4    1 
HETATM 126 C C5    . DMM B 2 . ? -3.262  -4.124  2.283  1.00 14.09 ? 7  DMM A C5    1 
HETATM 127 C C6    . DMM B 2 . ? -2.297  -4.819  1.372  1.00 14.06 ? 7  DMM A C6    1 
HETATM 128 O O6    . DMM B 2 . ? -2.473  -5.199  0.185  1.00 14.37 ? 7  DMM A O6    1 
HETATM 129 C C7    . DMM B 2 . ? -0.944  -5.156  1.896  1.00 14.05 ? 7  DMM A C7    1 
HETATM 130 C C8    . DMM B 2 . ? -0.033  -5.819  1.087  1.00 14.13 ? 7  DMM A C8    1 
HETATM 131 O O8    . DMM B 2 . ? -0.238  -6.178  -0.161 1.00 14.33 ? 7  DMM A O8    1 
HETATM 132 C C9    . DMM B 2 . ? 1.238   -6.111  1.670  1.00 14.51 ? 7  DMM A C9    1 
HETATM 133 C C10   . DMM B 2 . ? 2.255   -6.840  0.722  1.00 14.89 ? 7  DMM A C10   1 
HETATM 134 O O10   . DMM B 2 . ? 2.432   -5.773  -0.258 1.00 15.61 ? 7  DMM A O10   1 
HETATM 135 C C11   . DMM B 2 . ? 3.529   -7.238  1.390  1.00 14.96 ? 7  DMM A C11   1 
HETATM 136 C C12   . DMM B 2 . ? 4.008   -6.226  2.404  1.00 15.08 ? 7  DMM A C12   1 
HETATM 137 O O12   . DMM B 2 . ? 4.262   -4.935  1.821  1.00 15.12 ? 7  DMM A O12   1 
HETATM 138 C C13   . DMM B 2 . ? 5.331   -6.638  3.023  1.00 15.57 ? 7  DMM A C13   1 
HETATM 139 O O13   . DMM B 2 . ? 5.182   -7.543  3.829  1.00 15.81 ? 7  DMM A O13   1 
HETATM 140 C C14   . DMM B 2 . ? 6.759   -6.311  2.537  1.00 16.02 ? 7  DMM A C14   1 
HETATM 141 O O14   . DMM B 2 . ? 7.852   -7.022  3.167  1.00 16.54 ? 7  DMM A O14   1 
HETATM 142 C C15   . DMM B 2 . ? 2.944   -6.047  3.568  1.00 14.78 ? 7  DMM A C15   1 
HETATM 143 C C16   . DMM B 2 . ? 1.653   -5.780  2.958  1.00 14.30 ? 7  DMM A C16   1 
HETATM 144 C C17   . DMM B 2 . ? 0.696   -5.102  3.744  1.00 14.14 ? 7  DMM A C17   1 
HETATM 145 O O17   . DMM B 2 . ? 1.007   -4.748  5.041  1.00 13.84 ? 7  DMM A O17   1 
HETATM 146 C C18   . DMM B 2 . ? -0.593  -4.778  3.304  1.00 13.96 ? 7  DMM A C18   1 
HETATM 147 C C19   . DMM B 2 . ? -1.568  -4.101  4.126  1.00 13.96 ? 7  DMM A C19   1 
HETATM 148 O O19   . DMM B 2 . ? -1.333  -3.764  5.277  1.00 14.10 ? 7  DMM A O19   1 
HETATM 149 C C20   . DMM B 2 . ? -2.872  -3.812  3.554  1.00 14.01 ? 7  DMM A C20   1 
HETATM 150 C C21   . DMM B 2 . ? -6.221  -3.836  0.015  1.00 14.73 ? 7  DMM A C21   1 
HETATM 151 C "C1'" . DMM B 2 . ? 2.790   -6.143  -1.562 1.00 16.46 ? 7  DMM A "C1'" 1 
HETATM 152 C "C2'" . DMM B 2 . ? 2.470   -5.048  -2.515 1.00 16.95 ? 7  DMM A "C2'" 1 
HETATM 153 C "C3'" . DMM B 2 . ? 3.559   -3.956  -2.452 1.00 17.47 ? 7  DMM A "C3'" 1 
HETATM 154 C "C4'" . DMM B 2 . ? 4.955   -4.597  -2.656 1.00 17.21 ? 7  DMM A "C4'" 1 
HETATM 155 O "O4'" . DMM B 2 . ? 4.956   -5.174  -4.003 1.00 17.28 ? 7  DMM A "O4'" 1 
HETATM 156 C "C5'" . DMM B 2 . ? 5.209   -5.496  -1.473 1.00 17.08 ? 7  DMM A "C5'" 1 
HETATM 157 O "O5'" . DMM B 2 . ? 4.179   -6.584  -1.530 1.00 16.74 ? 7  DMM A "O5'" 1 
HETATM 158 C "C6'" . DMM B 2 . ? 6.558   -6.264  -1.498 1.00 16.96 ? 7  DMM A "C6'" 1 
HETATM 159 N "N3'" . DMM B 2 . ? 3.287   -3.004  -3.577 1.00 17.99 ? 7  DMM A "N3'" 1 
HETATM 160 C C33   . DMM B 2 . ? 2.032   -2.375  -3.248 1.00 18.28 ? 7  DMM A C33   1 
HETATM 161 C C23   . DMM B 2 . ? 1.715   -1.224  -4.245 1.00 18.85 ? 7  DMM A C23   1 
HETATM 162 O O16   . DMM B 2 . ? 2.862   -0.365  -4.350 1.00 18.98 ? 7  DMM A O16   1 
HETATM 163 C C63   . DMM B 2 . ? 4.087   -1.016  -4.807 1.00 18.73 ? 7  DMM A C63   1 
HETATM 164 C C53   . DMM B 2 . ? 4.416   -2.181  -3.803 1.00 18.39 ? 7  DMM A C53   1 
HETATM 165 O O23   . DMM B 2 . ? 1.181   -1.751  -5.474 1.00 19.27 ? 7  DMM A O23   1 
HETATM 166 C C73   A DMM B 2 . ? 2.022   -1.998  -6.571 0.50 19.18 ? 7  DMM A C73   1 
HETATM 167 C C73   B DMM B 2 . ? 0.865   -0.849  -6.522 0.50 19.19 ? 7  DMM A C73   1 
HETATM 168 O O     . HOH C 3 . ? 5.290   1.686   5.538  1.00 40.31 ? 8  HOH A O     1 
HETATM 169 O O     . HOH C 3 . ? -0.773  2.870   4.326  1.00 32.55 ? 9  HOH A O     1 
HETATM 170 O O     . HOH C 3 . ? -6.203  1.903   -0.902 1.00 36.11 ? 10 HOH A O     1 
HETATM 171 O O     . HOH C 3 . ? 0.050   0.823   6.836  1.00 39.55 ? 11 HOH A O     1 
HETATM 172 O O     . HOH C 3 . ? -5.646  0.470   1.925  1.00 31.98 ? 12 HOH A O     1 
HETATM 173 O O     . HOH C 3 . ? -2.305  -1.723  8.378  1.00 48.23 ? 13 HOH A O     1 
HETATM 174 O O     . HOH C 3 . ? -5.027  -6.964  -0.517 1.00 15.38 ? 14 HOH A O     1 
HETATM 175 O O     . HOH C 3 . ? -5.909  -5.867  5.971  1.00 36.49 ? 15 HOH A O     1 
HETATM 176 O O     . HOH C 3 . ? -5.764  -7.281  2.913  1.00 19.54 ? 16 HOH A O     1 
HETATM 177 O O     . HOH C 3 . ? 3.726   -8.966  6.239  1.00 35.07 ? 17 HOH A O     1 
HETATM 178 O O     . HOH C 3 . ? 3.723   -10.633 2.965  1.00 25.27 ? 18 HOH A O     1 
HETATM 179 O O     . HOH C 3 . ? 2.596   -10.615 0.245  1.00 18.93 ? 19 HOH A O     1 
HETATM 180 O O     . HOH C 3 . ? -4.787  -9.676  -3.527 1.00 42.38 ? 20 HOH A O     1 
HETATM 181 O O     . HOH C 3 . ? 7.764   -4.159  -5.190 1.00 43.04 ? 21 HOH A O     1 
HETATM 182 O O     . HOH C 3 . ? 10.207  -4.884  -4.072 1.00 40.79 ? 22 HOH A O     1 
HETATM 183 O O     . HOH C 3 . ? -3.341  0.729   5.837  1.00 41.84 ? 23 HOH A O     1 
HETATM 184 O O     . HOH C 3 . ? -6.187  -2.001  -2.872 1.00 24.13 ? 24 HOH A O     1 
HETATM 185 O O     . HOH C 3 . ? 10.092  -6.407  -1.605 1.00 32.38 ? 25 HOH A O     1 
HETATM 186 O O     . HOH C 3 . ? -6.932  -4.624  -4.325 1.00 43.58 ? 26 HOH A O     1 
HETATM 187 O O     . HOH C 3 . ? 4.722   -9.645  -1.916 1.00 33.33 ? 27 HOH A O     1 
HETATM 188 O O     . HOH C 3 . ? -10.172 -7.885  5.577  1.00 51.61 ? 28 HOH A O     1 
HETATM 189 O O     . HOH C 3 . ? 5.789   -11.587 1.682  1.00 45.57 ? 29 HOH A O     1 
HETATM 190 O O     . HOH C 3 . ? 3.287   -13.000 -0.529 1.00 39.76 ? 30 HOH A O     1 
HETATM 191 O O     . HOH C 3 . ? -8.697  -5.854  7.944  1.00 36.55 ? 31 HOH A O     1 
HETATM 192 O O     . HOH C 3 . ? 3.230   -7.102  -6.214 1.00 40.97 ? 32 HOH A O     1 
HETATM 193 O O     . HOH C 3 . ? 4.549   -10.135 -5.849 1.00 46.43 ? 33 HOH A O     1 
HETATM 194 O O     . HOH C 3 . ? -8.099  9.327   0.699  1.00 35.54 ? 34 HOH A O     1 
HETATM 195 O O     . HOH C 3 . ? -5.537  -5.844  10.389 1.00 53.64 ? 35 HOH A O     1 
HETATM 196 O O     . HOH C 3 . ? -8.391  0.879   9.621  1.00 49.77 ? 36 HOH A O     1 
HETATM 197 O O     . HOH C 3 . ? 2.803   2.247   6.645  1.00 54.06 ? 37 HOH A O     1 
HETATM 198 O O     . HOH C 3 . ? 7.348   0.444   7.679  1.00 47.20 ? 38 HOH A O     1 
HETATM 199 O O     . HOH C 3 . ? -3.910  -5.219  -8.396 1.00 34.47 ? 39 HOH A O     1 
HETATM 200 O O     . HOH C 3 . ? 12.001  -7.999  0.834  1.00 35.71 ? 40 HOH A O     1 
HETATM 201 O O     . HOH C 3 . ? 8.791   -9.611  -2.235 1.00 37.91 ? 41 HOH A O     1 
HETATM 202 O O     . HOH C 3 . ? -0.393  -4.342  -8.428 1.00 38.99 ? 42 HOH A O     1 
HETATM 203 O O     . HOH C 3 . ? 7.763   -9.225  1.830  1.00 37.42 ? 43 HOH A O     1 
HETATM 204 O O     . HOH C 3 . ? -9.628  -4.698  -0.839 1.00 39.07 ? 44 HOH A O     1 
HETATM 205 O O     . HOH C 3 . ? 6.775   -9.492  6.336  1.00 37.18 ? 45 HOH A O     1 
# 
